data_4EKX
#
_entry.id   4EKX
#
_cell.length_a   75.363
_cell.length_b   41.156
_cell.length_c   100.843
_cell.angle_alpha   90.000
_cell.angle_beta   97.900
_cell.angle_gamma   90.000
#
_symmetry.space_group_name_H-M   'P 1 21 1'
#
loop_
_entity.id
_entity.type
_entity.pdbx_description
1 polymer '14L protein'
2 polymer Interleukin-18
3 water water
#
loop_
_entity_poly.entity_id
_entity_poly.type
_entity_poly.pdbx_seq_one_letter_code
_entity_poly.pdbx_strand_id
1 'polypeptide(L)'
;MVKTRSVNIHVPVKETSKVVLECRGDSYFRHFSYVYWIIGKNKTVDQLPPNSGYRERIYLFKKPHRSENRPRADLILTNI
TDEMRNEKLTCVLIDPKDPLKESVILSKIWNSVYKI
;
C,A
2 'polypeptide(L)'
;YFGKLESKLSVIRNLNDQVLFIDQGNRPLFEDMTDSDSRDNAPRTIFIISMYKDSQPRGMAVTISVASAAASTLSSENKI
ISFKEMNPPDNIKDTKSDIIFFQRSVPGHDNKMQFESSSYEGYFLASEKERDLFKLILKKEDELGDRSIMFTVQNED
;
B,D
#
# COMPACT_ATOMS: atom_id res chain seq x y z
N THR A 4 -15.24 2.55 14.78
CA THR A 4 -13.93 2.08 15.20
C THR A 4 -13.60 0.76 14.50
N ARG A 5 -14.53 0.31 13.67
CA ARG A 5 -14.33 -0.88 12.86
C ARG A 5 -14.79 -0.59 11.46
N SER A 6 -13.95 -0.88 10.48
CA SER A 6 -14.34 -0.66 9.10
C SER A 6 -13.56 -1.52 8.13
N VAL A 7 -14.13 -1.70 6.96
CA VAL A 7 -13.46 -2.36 5.87
C VAL A 7 -13.65 -1.50 4.63
N ASN A 8 -12.57 -1.25 3.92
CA ASN A 8 -12.62 -0.41 2.74
C ASN A 8 -11.81 -1.02 1.62
N ILE A 9 -12.38 -0.90 0.44
CA ILE A 9 -11.77 -1.44 -0.77
C ILE A 9 -11.33 -0.27 -1.60
N HIS A 10 -10.08 -0.32 -2.08
CA HIS A 10 -9.63 0.64 -3.08
C HIS A 10 -9.58 -0.06 -4.42
N VAL A 11 -10.16 0.57 -5.45
CA VAL A 11 -10.22 -0.03 -6.79
C VAL A 11 -9.64 0.91 -7.83
N PRO A 12 -9.11 0.36 -8.92
CA PRO A 12 -8.56 1.27 -9.93
C PRO A 12 -9.69 1.89 -10.73
N VAL A 13 -9.51 3.13 -11.18
CA VAL A 13 -10.57 3.81 -11.93
C VAL A 13 -10.70 3.25 -13.35
N LYS A 14 -9.70 2.52 -13.81
CA LYS A 14 -9.78 1.90 -15.13
C LYS A 14 -9.25 0.47 -15.10
N GLU A 15 -9.81 -0.37 -15.96
CA GLU A 15 -9.34 -1.73 -16.09
C GLU A 15 -7.99 -1.73 -16.83
N THR A 16 -7.08 -2.58 -16.36
CA THR A 16 -5.83 -2.83 -17.07
C THR A 16 -5.58 -4.34 -17.14
N SER A 17 -4.48 -4.74 -17.78
CA SER A 17 -4.19 -6.16 -17.94
C SER A 17 -4.15 -6.91 -16.61
N LYS A 18 -3.55 -6.28 -15.60
CA LYS A 18 -3.55 -6.80 -14.25
C LYS A 18 -4.29 -5.81 -13.36
N VAL A 19 -5.36 -6.26 -12.73
CA VAL A 19 -6.14 -5.37 -11.87
C VAL A 19 -5.91 -5.75 -10.41
N VAL A 20 -5.63 -4.76 -9.56
CA VAL A 20 -5.44 -5.04 -8.15
C VAL A 20 -6.49 -4.31 -7.31
N LEU A 21 -7.22 -5.06 -6.48
CA LEU A 21 -8.15 -4.44 -5.55
C LEU A 21 -7.53 -4.55 -4.16
N GLU A 22 -7.51 -3.44 -3.44
CA GLU A 22 -6.85 -3.41 -2.15
C GLU A 22 -7.88 -3.39 -1.06
N CYS A 23 -7.93 -4.43 -0.23
CA CYS A 23 -8.83 -4.38 0.92
C CYS A 23 -8.08 -4.14 2.20
N ARG A 24 -8.51 -3.12 2.96
CA ARG A 24 -7.87 -2.83 4.23
C ARG A 24 -8.91 -2.83 5.34
N GLY A 25 -8.56 -3.44 6.46
CA GLY A 25 -9.44 -3.46 7.61
C GLY A 25 -8.94 -2.51 8.68
N ASP A 26 -9.85 -2.03 9.51
CA ASP A 26 -9.47 -1.21 10.64
C ASP A 26 -10.32 -1.71 11.79
N SER A 27 -9.67 -2.30 12.80
CA SER A 27 -10.36 -2.77 13.99
C SER A 27 -9.56 -2.42 15.23
N TYR A 28 -10.26 -2.16 16.32
CA TYR A 28 -9.61 -1.80 17.56
C TYR A 28 -9.11 -3.04 18.33
N PHE A 29 -9.44 -4.23 17.83
CA PHE A 29 -8.81 -5.44 18.31
C PHE A 29 -7.54 -5.69 17.50
N ARG A 30 -6.44 -5.03 17.86
CA ARG A 30 -5.26 -5.04 17.00
C ARG A 30 -4.53 -6.38 16.91
N HIS A 31 -4.63 -7.21 17.95
CA HIS A 31 -3.95 -8.50 17.95
C HIS A 31 -4.74 -9.58 17.21
N PHE A 32 -6.01 -9.32 16.96
CA PHE A 32 -6.89 -10.34 16.40
C PHE A 32 -7.80 -9.78 15.30
N SER A 33 -7.22 -9.38 14.19
CA SER A 33 -8.04 -8.90 13.08
C SER A 33 -7.37 -9.20 11.76
N TYR A 34 -8.18 -9.63 10.80
CA TYR A 34 -7.68 -9.91 9.47
C TYR A 34 -8.75 -9.68 8.43
N VAL A 35 -8.31 -9.53 7.17
CA VAL A 35 -9.25 -9.40 6.07
C VAL A 35 -8.93 -10.42 4.97
N TYR A 36 -9.95 -10.78 4.20
CA TYR A 36 -9.76 -11.68 3.05
C TYR A 36 -10.93 -11.53 2.10
N TRP A 37 -10.81 -12.13 0.92
CA TRP A 37 -11.81 -11.94 -0.12
C TRP A 37 -12.71 -13.15 -0.30
N ILE A 38 -13.96 -12.86 -0.66
CA ILE A 38 -14.89 -13.88 -1.08
C ILE A 38 -15.41 -13.53 -2.46
N ILE A 39 -15.36 -14.50 -3.37
CA ILE A 39 -15.77 -14.31 -4.74
C ILE A 39 -17.21 -14.79 -4.90
N GLY A 40 -18.12 -13.89 -5.25
CA GLY A 40 -19.50 -14.27 -5.39
C GLY A 40 -20.09 -14.65 -4.04
N LYS A 41 -20.94 -15.66 -4.04
CA LYS A 41 -21.67 -16.01 -2.82
C LYS A 41 -20.79 -16.50 -1.65
N ASN A 42 -19.91 -17.47 -1.93
CA ASN A 42 -19.22 -18.19 -0.84
C ASN A 42 -17.88 -18.84 -1.16
N LYS A 43 -17.22 -18.42 -2.24
CA LYS A 43 -15.92 -18.98 -2.57
C LYS A 43 -14.74 -18.11 -2.16
N THR A 44 -13.94 -18.60 -1.19
CA THR A 44 -12.66 -17.95 -0.93
C THR A 44 -11.81 -18.27 -2.16
N VAL A 45 -10.71 -17.54 -2.32
CA VAL A 45 -9.90 -17.69 -3.53
C VAL A 45 -9.35 -19.10 -3.66
N ASP A 46 -9.00 -19.69 -2.53
CA ASP A 46 -8.51 -21.08 -2.48
C ASP A 46 -9.47 -22.11 -3.07
N GLN A 47 -10.75 -21.77 -3.12
CA GLN A 47 -11.77 -22.73 -3.56
C GLN A 47 -12.10 -22.67 -5.04
N LEU A 48 -11.55 -21.68 -5.73
CA LEU A 48 -11.80 -21.48 -7.15
C LEU A 48 -11.11 -22.59 -7.95
N PRO A 49 -11.66 -22.95 -9.11
CA PRO A 49 -10.98 -23.89 -10.00
C PRO A 49 -9.61 -23.33 -10.42
N PRO A 50 -8.67 -24.21 -10.74
CA PRO A 50 -7.34 -23.67 -11.02
C PRO A 50 -7.32 -22.71 -12.21
N ASN A 51 -6.35 -21.78 -12.19
CA ASN A 51 -6.16 -20.81 -13.26
C ASN A 51 -7.38 -19.90 -13.52
N SER A 52 -8.11 -19.58 -12.45
CA SER A 52 -9.31 -18.75 -12.51
C SER A 52 -9.07 -17.30 -12.92
N GLY A 53 -7.85 -16.80 -12.72
CA GLY A 53 -7.57 -15.39 -12.96
C GLY A 53 -7.64 -14.57 -11.68
N TYR A 54 -8.00 -15.21 -10.58
CA TYR A 54 -7.99 -14.54 -9.28
C TYR A 54 -6.83 -15.05 -8.43
N ARG A 55 -6.08 -14.12 -7.84
CA ARG A 55 -5.09 -14.45 -6.83
C ARG A 55 -5.26 -13.52 -5.65
N GLU A 56 -4.93 -14.03 -4.46
CA GLU A 56 -5.03 -13.19 -3.27
C GLU A 56 -3.65 -13.06 -2.60
N ARG A 57 -3.32 -11.86 -2.19
CA ARG A 57 -2.11 -11.62 -1.41
C ARG A 57 -2.52 -11.10 -0.04
N ILE A 58 -2.31 -11.91 0.98
CA ILE A 58 -2.57 -11.53 2.37
C ILE A 58 -1.30 -10.97 2.97
N TYR A 59 -1.38 -9.76 3.51
CA TYR A 59 -0.21 -9.13 4.10
C TYR A 59 0.00 -9.58 5.53
N LEU A 60 1.18 -10.15 5.80
CA LEU A 60 1.55 -10.54 7.15
C LEU A 60 2.54 -9.53 7.72
N ARG A 70 -2.72 -2.30 10.29
CA ARG A 70 -4.04 -2.61 9.74
C ARG A 70 -3.94 -3.76 8.75
N PRO A 71 -4.81 -4.76 8.91
CA PRO A 71 -4.74 -5.94 8.03
C PRO A 71 -5.08 -5.56 6.61
N ARG A 72 -4.46 -6.25 5.66
CA ARG A 72 -4.65 -5.98 4.25
C ARG A 72 -4.70 -7.27 3.44
N ALA A 73 -5.53 -7.26 2.40
CA ALA A 73 -5.55 -8.34 1.43
C ALA A 73 -5.81 -7.77 0.06
N ASP A 74 -4.88 -8.04 -0.86
CA ASP A 74 -5.09 -7.61 -2.23
C ASP A 74 -5.66 -8.73 -3.06
N LEU A 75 -6.61 -8.38 -3.93
CA LEU A 75 -7.18 -9.35 -4.87
C LEU A 75 -6.71 -8.96 -6.26
N ILE A 76 -6.08 -9.92 -6.94
CA ILE A 76 -5.42 -9.62 -8.20
C ILE A 76 -6.09 -10.38 -9.34
N LEU A 77 -6.64 -9.64 -10.29
CA LEU A 77 -7.37 -10.21 -11.40
C LEU A 77 -6.55 -10.10 -12.68
N THR A 78 -6.44 -11.23 -13.37
CA THR A 78 -5.80 -11.26 -14.68
C THR A 78 -6.67 -12.07 -15.62
N ASN A 79 -6.41 -11.95 -16.93
CA ASN A 79 -7.23 -12.60 -17.95
C ASN A 79 -8.70 -12.39 -17.65
N ILE A 80 -9.07 -11.13 -17.51
CA ILE A 80 -10.39 -10.75 -17.01
C ILE A 80 -11.49 -11.07 -18.01
N THR A 81 -12.53 -11.75 -17.53
CA THR A 81 -13.66 -12.12 -18.36
C THR A 81 -14.85 -11.24 -17.98
N ASP A 82 -15.92 -11.30 -18.76
CA ASP A 82 -17.12 -10.53 -18.41
C ASP A 82 -17.75 -11.01 -17.10
N GLU A 83 -17.66 -12.32 -16.84
CA GLU A 83 -18.13 -12.85 -15.57
C GLU A 83 -17.36 -12.23 -14.41
N MET A 84 -16.06 -12.04 -14.57
CA MET A 84 -15.26 -11.43 -13.51
C MET A 84 -15.62 -9.95 -13.34
N ARG A 85 -15.79 -9.24 -14.45
CA ARG A 85 -16.17 -7.83 -14.40
C ARG A 85 -17.49 -7.58 -13.68
N ASN A 86 -18.39 -8.57 -13.73
CA ASN A 86 -19.72 -8.41 -13.15
C ASN A 86 -19.89 -9.17 -11.83
N GLU A 87 -18.84 -9.84 -11.40
CA GLU A 87 -18.88 -10.62 -10.16
C GLU A 87 -18.97 -9.67 -8.98
N LYS A 88 -19.75 -10.05 -7.97
CA LYS A 88 -19.73 -9.34 -6.69
C LYS A 88 -18.53 -9.85 -5.90
N LEU A 89 -17.59 -8.97 -5.62
CA LEU A 89 -16.36 -9.30 -4.93
C LEU A 89 -16.43 -8.69 -3.54
N THR A 90 -16.31 -9.52 -2.51
CA THR A 90 -16.51 -9.07 -1.14
C THR A 90 -15.25 -9.20 -0.32
N CYS A 91 -14.93 -8.16 0.45
CA CYS A 91 -13.85 -8.26 1.41
C CYS A 91 -14.44 -8.33 2.81
N VAL A 92 -13.93 -9.26 3.60
CA VAL A 92 -14.48 -9.52 4.94
C VAL A 92 -13.43 -9.16 5.96
N LEU A 93 -13.83 -8.41 6.97
CA LEU A 93 -13.02 -8.20 8.16
C LEU A 93 -13.49 -9.17 9.23
N ILE A 94 -12.53 -9.93 9.76
CA ILE A 94 -12.74 -10.82 10.87
C ILE A 94 -12.00 -10.33 12.10
N ASP A 95 -12.71 -10.26 13.22
CA ASP A 95 -12.13 -9.96 14.51
C ASP A 95 -13.06 -10.57 15.57
N PRO A 96 -12.80 -10.32 16.86
CA PRO A 96 -13.71 -10.89 17.89
C PRO A 96 -15.18 -10.48 17.85
N LYS A 97 -15.57 -9.59 16.95
CA LYS A 97 -16.99 -9.22 16.83
C LYS A 97 -17.55 -9.85 15.55
N ASP A 98 -18.77 -9.53 15.19
CA ASP A 98 -19.36 -10.14 13.99
C ASP A 98 -18.68 -9.64 12.71
N PRO A 99 -18.50 -10.52 11.73
CA PRO A 99 -17.77 -10.11 10.51
C PRO A 99 -18.36 -8.88 9.84
N LEU A 100 -17.49 -8.02 9.31
CA LEU A 100 -17.91 -6.79 8.69
C LEU A 100 -17.54 -6.94 7.21
N LYS A 101 -18.44 -6.58 6.31
CA LYS A 101 -18.16 -6.77 4.88
C LYS A 101 -18.34 -5.51 4.04
N GLU A 102 -17.55 -5.43 2.96
CA GLU A 102 -17.75 -4.41 1.94
C GLU A 102 -17.62 -5.13 0.60
N SER A 103 -18.35 -4.69 -0.41
CA SER A 103 -18.27 -5.37 -1.71
C SER A 103 -18.19 -4.40 -2.89
N VAL A 104 -17.81 -4.91 -4.04
CA VAL A 104 -17.74 -4.10 -5.24
C VAL A 104 -18.02 -4.96 -6.46
N ILE A 105 -18.64 -4.35 -7.46
CA ILE A 105 -18.80 -4.95 -8.77
C ILE A 105 -18.04 -4.02 -9.71
N LEU A 106 -16.96 -4.52 -10.30
CA LEU A 106 -16.05 -3.68 -11.05
C LEU A 106 -16.68 -2.98 -12.25
N SER A 107 -17.56 -3.67 -12.96
CA SER A 107 -18.19 -3.08 -14.14
C SER A 107 -18.99 -1.83 -13.78
N LYS A 108 -19.49 -1.75 -12.55
CA LYS A 108 -20.19 -0.54 -12.13
C LYS A 108 -19.18 0.61 -11.97
N ILE A 109 -18.05 0.31 -11.38
CA ILE A 109 -17.00 1.31 -11.19
C ILE A 109 -16.51 1.85 -12.53
N TRP A 110 -16.17 0.94 -13.43
CA TRP A 110 -15.54 1.30 -14.67
C TRP A 110 -16.44 1.95 -15.67
N ASN A 111 -17.75 1.73 -15.56
CA ASN A 111 -18.67 2.32 -16.52
C ASN A 111 -19.33 3.59 -16.03
N SER A 112 -18.75 4.20 -15.00
CA SER A 112 -19.29 5.44 -14.45
C SER A 112 -18.46 6.65 -14.88
N TYR B 1 3.19 27.32 -12.32
CA TYR B 1 3.80 27.03 -11.01
C TYR B 1 4.73 25.82 -11.09
N PHE B 2 5.97 25.98 -10.62
CA PHE B 2 6.91 24.87 -10.48
C PHE B 2 7.22 24.64 -9.00
N GLY B 3 7.12 23.39 -8.55
CA GLY B 3 7.44 23.05 -7.17
C GLY B 3 8.54 21.99 -7.15
N LYS B 4 9.59 22.27 -6.40
CA LYS B 4 10.72 21.34 -6.28
C LYS B 4 10.27 20.01 -5.70
N LEU B 5 10.81 18.92 -6.23
CA LEU B 5 10.48 17.58 -5.75
C LEU B 5 11.71 16.85 -5.26
N GLU B 6 12.47 16.27 -6.18
CA GLU B 6 13.67 15.53 -5.84
C GLU B 6 14.83 15.89 -6.77
N SER B 7 16.05 15.78 -6.27
CA SER B 7 17.23 16.10 -7.06
C SER B 7 18.11 14.86 -7.25
N LYS B 8 19.00 14.91 -8.24
CA LYS B 8 19.88 13.81 -8.53
C LYS B 8 21.26 14.28 -8.96
N LEU B 9 22.30 13.78 -8.29
CA LEU B 9 23.67 14.03 -8.73
C LEU B 9 23.83 13.45 -10.15
N SER B 10 24.40 14.25 -11.04
CA SER B 10 24.41 13.89 -12.46
C SER B 10 25.73 14.27 -13.14
N VAL B 11 26.18 13.39 -14.01
CA VAL B 11 27.29 13.69 -14.91
C VAL B 11 26.71 13.82 -16.31
N ILE B 12 26.99 14.94 -16.97
CA ILE B 12 26.41 15.22 -18.27
C ILE B 12 27.47 15.14 -19.35
N ARG B 13 27.18 14.42 -20.43
CA ARG B 13 28.10 14.30 -21.54
C ARG B 13 27.44 14.74 -22.84
N ASN B 14 28.21 15.40 -23.70
CA ASN B 14 27.69 15.83 -24.97
C ASN B 14 27.75 14.70 -26.00
N LEU B 15 27.44 15.04 -27.25
CA LEU B 15 27.33 14.04 -28.30
C LEU B 15 28.64 13.29 -28.55
N ASN B 16 29.76 13.92 -28.19
CA ASN B 16 31.08 13.32 -28.40
C ASN B 16 31.59 12.56 -27.19
N ASP B 17 30.70 12.33 -26.22
CA ASP B 17 31.04 11.62 -25.01
C ASP B 17 32.02 12.43 -24.16
N GLN B 18 32.03 13.74 -24.36
CA GLN B 18 32.85 14.64 -23.55
C GLN B 18 32.06 15.12 -22.33
N VAL B 19 32.72 15.17 -21.17
CA VAL B 19 32.03 15.52 -19.93
C VAL B 19 31.92 17.03 -19.72
N LEU B 20 30.72 17.49 -19.39
CA LEU B 20 30.46 18.88 -19.02
C LEU B 20 31.16 19.19 -17.71
N PHE B 21 31.86 20.32 -17.67
CA PHE B 21 32.50 20.77 -16.43
C PHE B 21 32.58 22.30 -16.41
N ILE B 22 32.75 22.86 -15.22
CA ILE B 22 32.95 24.30 -15.08
C ILE B 22 34.42 24.58 -14.88
N ASP B 23 34.99 25.46 -15.71
CA ASP B 23 36.42 25.75 -15.63
C ASP B 23 36.72 26.91 -14.70
N GLN B 24 37.99 27.30 -14.65
CA GLN B 24 38.45 28.40 -13.82
C GLN B 24 37.67 29.70 -14.01
N GLY B 25 37.35 30.02 -15.25
CA GLY B 25 36.63 31.23 -15.57
C GLY B 25 35.13 31.10 -15.38
N ASN B 26 34.73 30.03 -14.70
CA ASN B 26 33.31 29.77 -14.44
C ASN B 26 32.54 29.53 -15.74
N ARG B 27 33.26 29.05 -16.76
CA ARG B 27 32.65 28.74 -18.05
C ARG B 27 32.35 27.26 -18.18
N PRO B 28 31.14 26.92 -18.67
CA PRO B 28 30.77 25.53 -18.92
C PRO B 28 31.39 24.98 -20.21
N LEU B 29 32.29 24.02 -20.08
CA LEU B 29 32.95 23.38 -21.23
C LEU B 29 32.74 21.87 -21.21
N PHE B 30 33.14 21.20 -22.30
CA PHE B 30 33.12 19.74 -22.36
C PHE B 30 34.53 19.22 -22.63
N GLU B 31 34.93 18.15 -21.93
CA GLU B 31 36.22 17.49 -22.17
C GLU B 31 36.14 15.98 -22.00
N ASP B 32 37.00 15.25 -22.71
CA ASP B 32 37.15 13.82 -22.43
C ASP B 32 37.75 13.66 -21.03
N MET B 33 37.30 12.67 -20.28
CA MET B 33 37.85 12.43 -18.95
C MET B 33 38.06 10.95 -18.63
N ARG B 44 33.35 19.62 -9.82
CA ARG B 44 33.65 20.28 -11.10
C ARG B 44 32.85 19.66 -12.24
N THR B 45 32.66 18.34 -12.18
CA THR B 45 31.93 17.62 -13.20
C THR B 45 30.63 17.04 -12.64
N ILE B 46 30.39 17.26 -11.35
CA ILE B 46 29.19 16.76 -10.70
C ILE B 46 28.12 17.83 -10.63
N PHE B 47 27.02 17.59 -11.32
CA PHE B 47 25.92 18.53 -11.31
C PHE B 47 24.74 17.92 -10.57
N ILE B 48 23.78 18.78 -10.25
CA ILE B 48 22.56 18.32 -9.63
C ILE B 48 21.42 18.69 -10.58
N ILE B 49 20.65 17.69 -10.98
CA ILE B 49 19.44 17.95 -11.75
C ILE B 49 18.26 17.87 -10.78
N SER B 50 17.58 19.00 -10.58
CA SER B 50 16.43 19.04 -9.68
C SER B 50 15.14 19.04 -10.46
N MET B 51 14.24 18.12 -10.11
CA MET B 51 12.98 17.92 -10.82
C MET B 51 11.87 18.73 -10.14
N TYR B 52 10.97 19.27 -10.96
CA TYR B 52 9.87 20.11 -10.47
C TYR B 52 8.53 19.60 -10.99
N LYS B 53 7.52 19.57 -10.14
CA LYS B 53 6.15 19.40 -10.60
C LYS B 53 5.71 20.69 -11.28
N ASP B 54 4.75 20.59 -12.19
CA ASP B 54 4.31 21.71 -13.00
C ASP B 54 2.77 21.78 -13.00
N SER B 55 2.21 22.96 -12.74
CA SER B 55 0.75 23.10 -12.78
C SER B 55 0.27 22.99 -14.22
N GLN B 56 1.19 23.13 -15.17
CA GLN B 56 0.86 23.00 -16.58
C GLN B 56 1.77 21.94 -17.19
N PRO B 57 1.41 20.67 -17.02
CA PRO B 57 2.33 19.61 -17.47
C PRO B 57 2.69 19.60 -18.96
N ARG B 58 3.95 19.90 -19.25
CA ARG B 58 4.44 20.00 -20.62
C ARG B 58 5.62 19.05 -20.90
N GLY B 59 6.24 18.59 -19.82
CA GLY B 59 7.37 17.69 -19.88
C GLY B 59 8.06 17.75 -18.53
N MET B 60 9.27 17.21 -18.43
CA MET B 60 9.96 17.21 -17.15
C MET B 60 10.73 18.50 -16.92
N ALA B 61 10.21 19.33 -16.02
CA ALA B 61 10.83 20.62 -15.70
C ALA B 61 11.99 20.40 -14.74
N VAL B 62 13.18 20.90 -15.09
CA VAL B 62 14.36 20.75 -14.24
C VAL B 62 15.20 22.02 -14.13
N THR B 63 15.96 22.12 -13.04
CA THR B 63 17.09 23.04 -12.97
C THR B 63 18.38 22.21 -12.98
N ILE B 64 19.46 22.86 -13.40
CA ILE B 64 20.79 22.26 -13.39
C ILE B 64 21.68 23.19 -12.57
N SER B 65 22.26 22.66 -11.49
CA SER B 65 23.12 23.46 -10.63
C SER B 65 24.43 22.72 -10.33
N VAL B 66 25.44 23.44 -9.88
CA VAL B 66 26.72 22.83 -9.54
C VAL B 66 26.65 22.25 -8.14
N ALA B 67 27.04 20.99 -8.00
CA ALA B 67 26.92 20.30 -6.73
C ALA B 67 27.86 20.82 -5.64
N SER B 68 28.99 21.38 -6.06
CA SER B 68 29.99 21.85 -5.12
C SER B 68 29.74 23.29 -4.69
N ALA B 69 28.48 23.63 -4.46
CA ALA B 69 28.12 25.01 -4.14
C ALA B 69 28.94 25.60 -2.99
N ALA B 71 26.87 28.46 -4.54
CA ALA B 71 25.56 28.50 -5.20
C ALA B 71 25.66 28.92 -6.66
N SER B 72 25.41 27.99 -7.58
CA SER B 72 25.54 28.26 -9.00
C SER B 72 24.52 27.46 -9.80
N THR B 73 23.61 28.18 -10.46
CA THR B 73 22.51 27.54 -11.18
C THR B 73 22.52 27.97 -12.64
N LEU B 74 22.42 27.01 -13.54
CA LEU B 74 22.41 27.28 -14.98
C LEU B 74 21.22 28.15 -15.38
N SER B 75 21.47 29.15 -16.22
CA SER B 75 20.44 30.08 -16.67
C SER B 75 20.52 30.33 -18.17
N SER B 76 19.37 30.53 -18.80
CA SER B 76 19.31 30.90 -20.21
C SER B 76 18.90 32.36 -20.39
N GLU B 77 19.02 33.15 -19.32
CA GLU B 77 18.67 34.57 -19.38
C GLU B 77 19.27 35.25 -20.62
N ASN B 78 18.42 36.01 -21.33
CA ASN B 78 18.87 36.75 -22.51
C ASN B 78 19.35 35.88 -23.67
N LYS B 79 18.86 34.65 -23.73
CA LYS B 79 19.21 33.73 -24.78
C LYS B 79 20.69 33.36 -24.79
N ILE B 80 21.34 33.45 -23.63
CA ILE B 80 22.72 33.01 -23.50
C ILE B 80 22.89 32.13 -22.27
N ILE B 81 24.02 31.45 -22.21
CA ILE B 81 24.32 30.56 -21.10
C ILE B 81 25.12 31.30 -20.02
N SER B 82 24.64 31.22 -18.79
CA SER B 82 25.32 31.81 -17.64
C SER B 82 25.01 30.97 -16.40
N PHE B 83 25.80 31.16 -15.34
CA PHE B 83 25.51 30.51 -14.07
C PHE B 83 25.22 31.54 -12.98
N LYS B 84 23.94 31.68 -12.63
CA LYS B 84 23.51 32.62 -11.59
C LYS B 84 23.93 32.16 -10.20
N GLU B 85 24.35 33.11 -9.36
CA GLU B 85 24.71 32.80 -7.98
C GLU B 85 23.39 32.63 -7.24
N MET B 86 22.95 31.39 -7.11
CA MET B 86 21.68 31.08 -6.46
C MET B 86 21.50 29.57 -6.39
N ASN B 87 20.71 29.12 -5.42
CA ASN B 87 20.31 27.72 -5.35
C ASN B 87 18.99 27.53 -6.07
N PRO B 88 18.76 26.31 -6.58
CA PRO B 88 17.44 25.98 -7.15
C PRO B 88 16.37 26.25 -6.11
N PRO B 89 15.33 27.02 -6.48
CA PRO B 89 14.34 27.47 -5.49
C PRO B 89 13.31 26.40 -5.15
N ASP B 90 12.73 26.50 -3.96
CA ASP B 90 11.67 25.58 -3.54
C ASP B 90 10.47 25.64 -4.48
N ASN B 91 10.17 26.83 -4.99
CA ASN B 91 9.11 26.97 -5.98
C ASN B 91 9.32 28.18 -6.88
N ILE B 92 8.64 28.17 -8.02
CA ILE B 92 8.67 29.29 -8.94
C ILE B 92 7.22 29.58 -9.32
N LYS B 93 6.76 30.78 -8.98
CA LYS B 93 5.35 31.11 -9.17
C LYS B 93 5.24 31.77 -10.54
N ASP B 94 5.37 30.96 -11.59
CA ASP B 94 5.28 31.42 -12.97
C ASP B 94 5.24 30.15 -13.81
N THR B 95 4.91 30.27 -15.09
CA THR B 95 4.90 29.08 -15.95
C THR B 95 6.16 28.96 -16.81
N LYS B 96 7.10 29.87 -16.63
CA LYS B 96 8.39 29.81 -17.31
C LYS B 96 9.44 30.41 -16.39
N SER B 97 10.70 30.11 -16.67
CA SER B 97 11.82 30.64 -15.87
C SER B 97 13.14 30.48 -16.61
N ASP B 98 14.04 31.45 -16.45
CA ASP B 98 15.35 31.36 -17.10
C ASP B 98 16.19 30.17 -16.59
N ILE B 99 15.80 29.63 -15.43
CA ILE B 99 16.53 28.49 -14.87
C ILE B 99 15.80 27.17 -15.01
N ILE B 100 14.60 27.20 -15.60
CA ILE B 100 13.85 25.97 -15.83
C ILE B 100 14.00 25.51 -17.27
N PHE B 101 14.46 24.27 -17.44
CA PHE B 101 14.55 23.63 -18.75
C PHE B 101 13.62 22.43 -18.79
N PHE B 102 13.08 22.11 -19.96
CA PHE B 102 12.34 20.86 -20.07
C PHE B 102 13.27 19.78 -20.60
N GLN B 103 13.39 18.72 -19.81
CA GLN B 103 14.27 17.59 -20.14
C GLN B 103 13.45 16.56 -20.87
N ARG B 104 13.80 16.31 -22.13
CA ARG B 104 13.04 15.35 -22.92
C ARG B 104 13.97 14.36 -23.59
N SER B 105 13.55 13.10 -23.61
CA SER B 105 14.35 12.09 -24.28
C SER B 105 14.27 12.29 -25.79
N VAL B 106 15.33 11.86 -26.47
CA VAL B 106 15.41 11.98 -27.92
C VAL B 106 14.59 10.87 -28.58
N PRO B 107 13.71 11.26 -29.50
CA PRO B 107 12.88 10.31 -30.26
C PRO B 107 13.74 9.19 -30.85
N GLY B 108 13.47 7.95 -30.44
CA GLY B 108 14.20 6.80 -30.94
C GLY B 108 15.48 6.51 -30.18
N HIS B 109 15.80 7.36 -29.21
CA HIS B 109 17.00 7.18 -28.39
C HIS B 109 16.70 7.55 -26.94
N ASP B 110 16.04 6.64 -26.22
CA ASP B 110 15.64 6.87 -24.83
C ASP B 110 16.79 7.27 -23.92
N ASN B 111 18.01 6.87 -24.30
CA ASN B 111 19.19 7.11 -23.49
C ASN B 111 19.75 8.52 -23.63
N LYS B 112 19.23 9.27 -24.59
CA LYS B 112 19.72 10.61 -24.85
C LYS B 112 18.67 11.65 -24.49
N MET B 113 19.14 12.80 -24.01
CA MET B 113 18.25 13.83 -23.50
C MET B 113 18.51 15.16 -24.18
N GLN B 114 17.44 15.96 -24.30
CA GLN B 114 17.58 17.34 -24.78
C GLN B 114 16.98 18.26 -23.72
N PHE B 115 17.49 19.48 -23.62
CA PHE B 115 17.04 20.42 -22.60
C PHE B 115 16.56 21.71 -23.27
N GLU B 116 15.25 21.91 -23.25
CA GLU B 116 14.69 23.09 -23.89
C GLU B 116 14.43 24.19 -22.89
N SER B 117 14.87 25.41 -23.21
CA SER B 117 14.58 26.56 -22.36
C SER B 117 13.07 26.77 -22.22
N SER B 118 12.58 26.87 -20.98
CA SER B 118 11.16 27.15 -20.78
C SER B 118 10.87 28.63 -21.10
N SER B 119 11.87 29.47 -20.94
CA SER B 119 11.74 30.90 -21.21
C SER B 119 11.80 31.20 -22.69
N TYR B 120 12.63 30.45 -23.41
CA TYR B 120 12.82 30.68 -24.83
C TYR B 120 12.52 29.42 -25.61
N GLU B 121 11.25 29.26 -25.97
CA GLU B 121 10.78 28.10 -26.72
C GLU B 121 11.60 27.90 -27.98
N GLY B 122 11.97 26.66 -28.27
CA GLY B 122 12.74 26.37 -29.48
C GLY B 122 14.24 26.48 -29.29
N TYR B 123 14.65 26.96 -28.11
CA TYR B 123 16.06 27.05 -27.78
C TYR B 123 16.48 25.94 -26.83
N PHE B 124 17.61 25.31 -27.15
CA PHE B 124 18.09 24.12 -26.46
C PHE B 124 19.53 24.28 -26.02
N LEU B 125 19.88 23.62 -24.94
CA LEU B 125 21.29 23.49 -24.59
C LEU B 125 21.99 22.74 -25.71
N ALA B 126 23.22 23.14 -26.02
CA ALA B 126 23.98 22.46 -27.05
C ALA B 126 25.47 22.50 -26.78
N SER B 127 26.19 21.57 -27.39
CA SER B 127 27.64 21.62 -27.41
C SER B 127 28.07 22.26 -28.73
N GLU B 128 29.04 23.17 -28.67
CA GLU B 128 29.55 23.80 -29.88
C GLU B 128 31.08 23.82 -29.86
N LYS B 129 31.69 23.41 -30.97
CA LYS B 129 33.15 23.40 -31.05
C LYS B 129 33.62 24.79 -31.46
N GLU B 130 34.51 25.37 -30.66
CA GLU B 130 35.07 26.68 -30.94
C GLU B 130 36.58 26.59 -30.81
N ARG B 131 37.26 26.47 -31.95
CA ARG B 131 38.68 26.16 -31.98
C ARG B 131 38.94 24.83 -31.28
N ASP B 132 39.80 24.86 -30.28
CA ASP B 132 40.16 23.66 -29.53
C ASP B 132 39.18 23.38 -28.40
N LEU B 133 38.26 24.31 -28.16
CA LEU B 133 37.32 24.20 -27.05
C LEU B 133 35.96 23.68 -27.47
N PHE B 134 35.28 23.00 -26.55
CA PHE B 134 33.89 22.61 -26.74
C PHE B 134 33.05 23.30 -25.66
N LYS B 135 32.12 24.16 -26.09
CA LYS B 135 31.40 25.04 -25.19
C LYS B 135 29.92 24.68 -25.05
N LEU B 136 29.39 24.89 -23.86
CA LEU B 136 27.95 24.82 -23.66
C LEU B 136 27.33 26.12 -24.12
N ILE B 137 26.38 26.03 -25.05
CA ILE B 137 25.71 27.20 -25.58
C ILE B 137 24.19 26.98 -25.60
N LEU B 138 23.44 28.02 -25.96
CA LEU B 138 22.01 27.88 -26.19
C LEU B 138 21.75 28.18 -27.66
N LYS B 139 20.97 27.34 -28.32
CA LYS B 139 20.67 27.58 -29.73
C LYS B 139 19.36 26.94 -30.19
N LYS B 140 18.85 27.42 -31.33
CA LYS B 140 17.63 26.85 -31.92
C LYS B 140 17.91 25.51 -32.58
N GLU B 143 16.98 22.03 -38.60
CA GLU B 143 18.03 21.03 -38.42
C GLU B 143 17.52 19.90 -37.55
N LEU B 144 16.56 19.12 -38.06
CA LEU B 144 15.98 18.04 -37.26
C LEU B 144 17.01 16.93 -37.13
N GLY B 145 17.08 16.34 -35.94
CA GLY B 145 18.08 15.32 -35.67
C GLY B 145 19.43 15.86 -35.23
N ASP B 146 19.51 17.19 -35.08
CA ASP B 146 20.73 17.87 -34.66
C ASP B 146 21.26 17.07 -33.47
N ARG B 147 22.51 16.65 -33.58
CA ARG B 147 23.11 15.79 -32.56
C ARG B 147 23.72 16.67 -31.47
N SER B 148 24.01 17.92 -31.80
CA SER B 148 24.69 18.80 -30.85
C SER B 148 23.80 19.16 -29.63
N ILE B 149 22.49 18.97 -29.74
CA ILE B 149 21.61 19.24 -28.61
C ILE B 149 21.24 17.97 -27.83
N MET B 150 21.91 16.86 -28.16
CA MET B 150 21.67 15.58 -27.48
C MET B 150 22.74 15.31 -26.42
N PHE B 151 22.29 14.93 -25.24
CA PHE B 151 23.17 14.69 -24.11
C PHE B 151 22.86 13.33 -23.51
N THR B 152 23.84 12.75 -22.83
CA THR B 152 23.55 11.61 -21.95
C THR B 152 23.72 12.08 -20.50
N VAL B 153 22.91 11.51 -19.61
CA VAL B 153 22.97 11.84 -18.20
C VAL B 153 23.26 10.60 -17.38
N GLN B 154 24.33 10.67 -16.59
CA GLN B 154 24.78 9.56 -15.77
C GLN B 154 24.41 9.79 -14.31
N ASN B 155 23.67 8.87 -13.72
CA ASN B 155 23.26 9.02 -12.34
C ASN B 155 23.90 7.99 -11.40
N TYR C 1 -16.01 -23.98 4.32
CA TYR C 1 -14.57 -24.09 4.06
C TYR C 1 -13.79 -23.15 4.97
N PHE C 2 -12.79 -23.69 5.66
CA PHE C 2 -11.88 -22.91 6.47
C PHE C 2 -10.49 -22.96 5.85
N GLY C 3 -9.85 -21.80 5.71
CA GLY C 3 -8.49 -21.75 5.19
C GLY C 3 -7.56 -21.07 6.19
N LYS C 4 -6.44 -21.70 6.50
CA LYS C 4 -5.56 -21.15 7.53
C LYS C 4 -4.87 -19.86 7.06
N LEU C 5 -4.89 -18.84 7.91
CA LEU C 5 -4.32 -17.54 7.54
C LEU C 5 -3.00 -17.25 8.27
N GLU C 6 -3.06 -17.20 9.60
CA GLU C 6 -1.91 -16.84 10.39
C GLU C 6 -2.04 -17.43 11.79
N SER C 7 -0.92 -17.57 12.48
CA SER C 7 -0.93 -18.14 13.82
C SER C 7 -0.24 -17.22 14.82
N LYS C 8 -0.74 -17.19 16.05
CA LYS C 8 -0.16 -16.33 17.07
C LYS C 8 0.06 -17.07 18.38
N LEU C 9 1.26 -16.94 18.93
CA LEU C 9 1.56 -17.51 20.23
C LEU C 9 0.73 -16.77 21.26
N SER C 10 0.06 -17.54 22.11
CA SER C 10 -0.93 -16.99 23.02
C SER C 10 -0.91 -17.73 24.35
N VAL C 11 -1.25 -17.03 25.42
CA VAL C 11 -1.48 -17.67 26.70
C VAL C 11 -2.93 -17.37 27.08
N ILE C 12 -3.61 -18.36 27.65
CA ILE C 12 -5.00 -18.19 28.05
C ILE C 12 -5.16 -18.39 29.56
N ARG C 13 -5.92 -17.50 30.19
CA ARG C 13 -6.16 -17.58 31.63
C ARG C 13 -7.59 -17.22 31.98
N ASN C 14 -8.20 -18.02 32.84
CA ASN C 14 -9.58 -17.80 33.27
C ASN C 14 -9.64 -16.53 34.09
N LEU C 15 -10.83 -16.18 34.55
CA LEU C 15 -11.01 -14.90 35.25
C LEU C 15 -10.36 -14.90 36.63
N ASN C 16 -9.96 -16.07 37.11
CA ASN C 16 -9.17 -16.16 38.32
C ASN C 16 -7.67 -16.07 38.03
N ASP C 17 -7.37 -15.73 36.78
CA ASP C 17 -5.99 -15.61 36.25
C ASP C 17 -5.21 -16.90 36.34
N GLN C 18 -5.94 -18.01 36.43
CA GLN C 18 -5.32 -19.33 36.28
C GLN C 18 -5.05 -19.59 34.81
N VAL C 19 -3.85 -20.07 34.49
CA VAL C 19 -3.40 -20.23 33.12
C VAL C 19 -3.68 -21.63 32.60
N LEU C 20 -4.19 -21.73 31.39
CA LEU C 20 -4.39 -23.01 30.72
C LEU C 20 -3.06 -23.68 30.45
N PHE C 21 -2.95 -24.96 30.77
CA PHE C 21 -1.75 -25.70 30.41
C PHE C 21 -2.12 -27.13 30.05
N ILE C 22 -1.21 -27.84 29.42
CA ILE C 22 -1.40 -29.26 29.17
C ILE C 22 -0.53 -30.02 30.17
N ASP C 23 -1.16 -30.91 30.92
CA ASP C 23 -0.42 -31.64 31.97
C ASP C 23 0.27 -32.91 31.45
N GLN C 24 0.94 -33.62 32.35
CA GLN C 24 1.72 -34.80 31.97
C GLN C 24 0.86 -35.90 31.36
N GLY C 25 -0.44 -35.86 31.65
CA GLY C 25 -1.37 -36.84 31.14
C GLY C 25 -2.14 -36.34 29.93
N ASN C 26 -1.64 -35.28 29.31
CA ASN C 26 -2.25 -34.75 28.08
C ASN C 26 -3.63 -34.14 28.33
N ARG C 27 -3.84 -33.65 29.54
CA ARG C 27 -5.12 -33.03 29.89
C ARG C 27 -5.02 -31.52 29.90
N PRO C 28 -6.03 -30.83 29.36
CA PRO C 28 -6.04 -29.38 29.48
C PRO C 28 -6.57 -28.97 30.86
N LEU C 29 -5.74 -28.30 31.64
CA LEU C 29 -6.10 -27.90 33.00
C LEU C 29 -5.73 -26.44 33.22
N PHE C 30 -6.15 -25.89 34.36
CA PHE C 30 -5.82 -24.51 34.73
C PHE C 30 -5.04 -24.49 36.04
N GLU C 31 -4.00 -23.67 36.11
CA GLU C 31 -3.23 -23.51 37.34
C GLU C 31 -3.04 -22.04 37.64
N ASP C 32 -3.00 -21.69 38.93
CA ASP C 32 -2.73 -20.32 39.36
C ASP C 32 -1.53 -19.73 38.62
N MET C 33 -1.66 -18.49 38.14
CA MET C 33 -0.59 -17.86 37.37
C MET C 33 0.72 -17.92 38.16
N THR C 34 0.59 -17.72 39.46
CA THR C 34 1.68 -17.88 40.42
C THR C 34 2.51 -19.14 40.18
N ASP C 35 1.83 -20.25 39.87
CA ASP C 35 2.49 -21.54 39.77
C ASP C 35 2.62 -22.02 38.33
N SER C 36 2.30 -21.15 37.37
CA SER C 36 2.36 -21.51 35.97
C SER C 36 3.78 -21.56 35.42
N ASP C 37 3.96 -22.23 34.29
CA ASP C 37 5.28 -22.44 33.74
C ASP C 37 5.92 -21.07 33.55
N SER C 38 7.09 -20.88 34.15
CA SER C 38 7.79 -19.61 34.13
C SER C 38 8.94 -19.56 33.13
N ARG C 39 9.14 -20.65 32.40
CA ARG C 39 10.24 -20.72 31.44
C ARG C 39 10.00 -19.76 30.29
N ASP C 40 11.08 -19.25 29.69
CA ASP C 40 10.96 -18.33 28.58
C ASP C 40 10.24 -19.07 27.46
N ASN C 41 10.60 -20.32 27.29
CA ASN C 41 9.95 -21.20 26.31
C ASN C 41 8.49 -21.45 26.65
N ALA C 42 8.18 -21.60 27.93
CA ALA C 42 6.80 -21.77 28.39
C ALA C 42 6.09 -22.88 27.62
N PRO C 43 6.74 -24.04 27.53
CA PRO C 43 6.26 -25.11 26.65
C PRO C 43 4.87 -25.62 27.00
N ARG C 44 4.54 -25.66 28.28
CA ARG C 44 3.26 -26.19 28.73
C ARG C 44 2.11 -25.19 28.80
N THR C 45 2.37 -23.91 28.53
CA THR C 45 1.31 -22.91 28.60
C THR C 45 1.15 -22.09 27.33
N ILE C 46 2.14 -22.15 26.45
CA ILE C 46 2.07 -21.37 25.24
C ILE C 46 1.27 -22.12 24.18
N PHE C 47 0.19 -21.51 23.73
CA PHE C 47 -0.62 -22.12 22.70
C PHE C 47 -0.46 -21.35 21.41
N ILE C 48 -0.73 -22.02 20.30
CA ILE C 48 -0.82 -21.32 19.04
C ILE C 48 -2.30 -21.21 18.76
N ILE C 49 -2.77 -19.98 18.60
CA ILE C 49 -4.10 -19.78 18.07
C ILE C 49 -3.94 -19.48 16.59
N SER C 50 -4.51 -20.35 15.77
CA SER C 50 -4.38 -20.25 14.32
C SER C 50 -5.68 -19.73 13.80
N MET C 51 -5.61 -18.61 13.07
CA MET C 51 -6.81 -17.97 12.56
C MET C 51 -7.14 -18.45 11.15
N TYR C 52 -8.42 -18.67 10.90
CA TYR C 52 -8.85 -19.22 9.61
C TYR C 52 -9.81 -18.30 8.91
N LYS C 53 -9.68 -18.19 7.60
CA LYS C 53 -10.69 -17.52 6.80
C LYS C 53 -11.82 -18.53 6.65
N ASP C 54 -13.02 -18.02 6.39
CA ASP C 54 -14.22 -18.82 6.34
C ASP C 54 -15.06 -18.47 5.10
N SER C 55 -15.46 -19.48 4.34
CA SER C 55 -16.38 -19.28 3.24
C SER C 55 -17.75 -18.77 3.70
N GLN C 56 -18.08 -19.00 4.97
CA GLN C 56 -19.34 -18.53 5.51
C GLN C 56 -19.03 -17.73 6.76
N PRO C 57 -18.73 -16.45 6.59
CA PRO C 57 -18.25 -15.70 7.75
C PRO C 57 -19.22 -15.56 8.91
N ARG C 58 -18.85 -16.13 10.05
CA ARG C 58 -19.72 -16.11 11.23
C ARG C 58 -19.01 -15.58 12.47
N GLY C 59 -17.71 -15.35 12.34
CA GLY C 59 -16.92 -14.87 13.45
C GLY C 59 -15.47 -15.24 13.21
N MET C 60 -14.63 -15.11 14.22
CA MET C 60 -13.22 -15.45 14.07
C MET C 60 -12.96 -16.94 14.33
N ALA C 61 -12.86 -17.71 13.26
CA ALA C 61 -12.62 -19.15 13.36
C ALA C 61 -11.16 -19.43 13.71
N VAL C 62 -10.93 -20.19 14.79
CA VAL C 62 -9.57 -20.48 15.24
C VAL C 62 -9.40 -21.95 15.65
N THR C 63 -8.17 -22.44 15.50
CA THR C 63 -7.79 -23.65 16.21
C THR C 63 -6.86 -23.26 17.36
N ILE C 64 -6.79 -24.12 18.36
CA ILE C 64 -5.92 -23.89 19.51
C ILE C 64 -5.04 -25.13 19.67
N SER C 65 -3.74 -24.96 19.52
CA SER C 65 -2.82 -26.09 19.59
C SER C 65 -1.65 -25.78 20.52
N VAL C 66 -0.98 -26.81 21.01
CA VAL C 66 0.17 -26.61 21.89
C VAL C 66 1.41 -26.26 21.09
N ALA C 67 2.06 -25.15 21.43
CA ALA C 67 3.21 -24.69 20.65
C ALA C 67 4.41 -25.62 20.73
N SER C 68 4.59 -26.23 21.88
CA SER C 68 5.76 -27.06 22.12
C SER C 68 5.55 -28.51 21.73
N ALA C 69 4.33 -28.85 21.33
CA ALA C 69 3.98 -30.24 21.02
C ALA C 69 4.11 -30.53 19.53
N ALA C 70 4.46 -31.78 19.22
CA ALA C 70 4.55 -32.20 17.83
C ALA C 70 3.21 -32.03 17.14
N ALA C 71 2.15 -32.48 17.79
CA ALA C 71 0.83 -32.45 17.18
C ALA C 71 -0.28 -32.64 18.21
N SER C 72 -0.69 -31.53 18.82
CA SER C 72 -1.69 -31.56 19.88
C SER C 72 -2.64 -30.40 19.67
N THR C 73 -3.83 -30.68 19.16
CA THR C 73 -4.81 -29.64 18.85
C THR C 73 -6.08 -29.87 19.66
N LEU C 74 -6.61 -28.81 20.25
CA LEU C 74 -7.82 -28.91 21.05
C LEU C 74 -9.02 -29.36 20.22
N SER C 75 -9.83 -30.25 20.78
CA SER C 75 -10.97 -30.79 20.06
C SER C 75 -12.21 -30.87 20.95
N SER C 76 -13.36 -30.62 20.35
CA SER C 76 -14.63 -30.76 21.05
C SER C 76 -15.37 -32.03 20.64
N GLU C 77 -14.67 -32.95 19.97
CA GLU C 77 -15.29 -34.20 19.50
C GLU C 77 -16.12 -34.86 20.61
N ASN C 78 -17.37 -35.20 20.27
CA ASN C 78 -18.29 -35.85 21.21
C ASN C 78 -18.64 -35.02 22.43
N LYS C 79 -18.72 -33.70 22.25
CA LYS C 79 -19.10 -32.79 23.32
C LYS C 79 -18.18 -32.89 24.53
N ILE C 80 -16.94 -33.33 24.30
CA ILE C 80 -15.95 -33.28 25.36
C ILE C 80 -14.64 -32.75 24.83
N ILE C 81 -13.87 -32.15 25.72
CA ILE C 81 -12.65 -31.45 25.38
C ILE C 81 -11.43 -32.34 25.53
N SER C 82 -10.73 -32.58 24.42
CA SER C 82 -9.50 -33.36 24.46
C SER C 82 -8.44 -32.75 23.56
N PHE C 83 -7.19 -33.19 23.75
CA PHE C 83 -6.15 -32.84 22.82
C PHE C 83 -6.07 -33.93 21.76
N LYS C 84 -6.49 -33.59 20.55
CA LYS C 84 -6.52 -34.52 19.45
C LYS C 84 -5.14 -34.56 18.78
N GLU C 85 -4.76 -35.73 18.26
CA GLU C 85 -3.44 -35.86 17.71
C GLU C 85 -3.35 -35.38 16.26
N MET C 86 -3.05 -34.10 16.08
CA MET C 86 -2.94 -33.52 14.74
C MET C 86 -2.45 -32.09 14.81
N ASN C 87 -2.00 -31.57 13.67
CA ASN C 87 -1.66 -30.16 13.54
C ASN C 87 -2.80 -29.38 12.91
N PRO C 88 -2.89 -28.07 13.21
CA PRO C 88 -3.88 -27.27 12.48
C PRO C 88 -3.64 -27.41 10.98
N PRO C 89 -4.67 -27.82 10.24
CA PRO C 89 -4.52 -28.11 8.81
C PRO C 89 -4.54 -26.85 7.95
N ASP C 90 -3.95 -26.92 6.75
CA ASP C 90 -4.00 -25.79 5.83
C ASP C 90 -5.44 -25.39 5.52
N ASN C 91 -6.30 -26.39 5.38
CA ASN C 91 -7.71 -26.13 5.17
C ASN C 91 -8.61 -27.24 5.71
N ILE C 92 -9.89 -26.92 5.90
CA ILE C 92 -10.89 -27.89 6.30
C ILE C 92 -12.07 -27.69 5.37
N LYS C 93 -12.46 -28.75 4.67
CA LYS C 93 -13.54 -28.65 3.68
C LYS C 93 -14.84 -29.02 4.39
N ASP C 94 -15.33 -28.09 5.21
CA ASP C 94 -16.47 -28.34 6.08
C ASP C 94 -16.80 -26.98 6.67
N THR C 95 -18.06 -26.74 7.04
CA THR C 95 -18.40 -25.46 7.69
C THR C 95 -18.40 -25.59 9.20
N LYS C 96 -18.18 -26.81 9.67
CA LYS C 96 -18.05 -27.10 11.08
C LYS C 96 -16.87 -28.03 11.29
N SER C 97 -16.22 -27.91 12.42
CA SER C 97 -15.10 -28.80 12.74
C SER C 97 -14.94 -28.90 14.24
N ASP C 98 -14.64 -30.12 14.72
CA ASP C 98 -14.39 -30.34 16.13
C ASP C 98 -13.15 -29.59 16.63
N ILE C 99 -12.28 -29.17 15.71
CA ILE C 99 -11.11 -28.39 16.12
C ILE C 99 -11.23 -26.87 15.88
N ILE C 100 -12.34 -26.44 15.30
CA ILE C 100 -12.57 -25.00 15.07
C ILE C 100 -13.51 -24.42 16.13
N PHE C 101 -13.06 -23.36 16.77
CA PHE C 101 -13.89 -22.60 17.71
C PHE C 101 -14.01 -21.17 17.18
N PHE C 102 -15.11 -20.51 17.51
CA PHE C 102 -15.22 -19.09 17.17
C PHE C 102 -14.81 -18.27 18.37
N GLN C 103 -13.75 -17.48 18.20
CA GLN C 103 -13.28 -16.63 19.29
C GLN C 103 -14.05 -15.33 19.23
N ARG C 104 -14.82 -15.08 20.29
CA ARG C 104 -15.74 -13.95 20.30
C ARG C 104 -15.52 -13.11 21.54
N SER C 105 -15.54 -11.78 21.40
CA SER C 105 -15.43 -10.96 22.60
C SER C 105 -16.66 -11.15 23.48
N VAL C 106 -16.46 -11.08 24.79
CA VAL C 106 -17.57 -11.23 25.72
C VAL C 106 -18.48 -10.03 25.62
N PRO C 107 -19.81 -10.27 25.60
CA PRO C 107 -20.79 -9.18 25.55
C PRO C 107 -20.53 -8.21 26.68
N GLY C 108 -20.39 -6.93 26.36
CA GLY C 108 -20.12 -5.91 27.35
C GLY C 108 -18.69 -5.85 27.86
N HIS C 109 -17.85 -6.78 27.42
CA HIS C 109 -16.45 -6.84 27.88
C HIS C 109 -15.47 -7.13 26.75
N ASP C 110 -15.11 -6.11 25.98
CA ASP C 110 -14.24 -6.29 24.80
C ASP C 110 -12.90 -6.95 25.10
N ASN C 111 -12.43 -6.82 26.34
CA ASN C 111 -11.10 -7.30 26.69
C ASN C 111 -11.06 -8.78 27.05
N LYS C 112 -12.23 -9.41 27.07
CA LYS C 112 -12.32 -10.83 27.40
C LYS C 112 -12.91 -11.57 26.20
N MET C 113 -12.56 -12.86 26.11
CA MET C 113 -12.94 -13.69 24.98
C MET C 113 -13.68 -14.94 25.43
N GLN C 114 -14.63 -15.40 24.63
CA GLN C 114 -15.18 -16.74 24.78
C GLN C 114 -14.94 -17.54 23.50
N PHE C 115 -14.94 -18.85 23.63
CA PHE C 115 -14.63 -19.72 22.50
C PHE C 115 -15.80 -20.67 22.26
N GLU C 116 -16.52 -20.44 21.18
CA GLU C 116 -17.71 -21.23 20.89
C GLU C 116 -17.37 -22.35 19.93
N SER C 117 -17.77 -23.58 20.26
CA SER C 117 -17.53 -24.72 19.39
C SER C 117 -18.27 -24.56 18.08
N SER C 118 -17.58 -24.74 16.95
CA SER C 118 -18.26 -24.67 15.66
C SER C 118 -19.09 -25.93 15.43
N SER C 119 -18.70 -27.03 16.09
CA SER C 119 -19.43 -28.28 16.00
C SER C 119 -20.74 -28.24 16.78
N TYR C 120 -20.68 -27.59 17.94
CA TYR C 120 -21.81 -27.56 18.86
C TYR C 120 -22.18 -26.12 19.21
N GLU C 121 -23.02 -25.51 18.37
CA GLU C 121 -23.45 -24.14 18.57
C GLU C 121 -24.04 -23.96 19.96
N GLY C 122 -23.66 -22.88 20.64
CA GLY C 122 -24.15 -22.59 21.97
C GLY C 122 -23.35 -23.27 23.07
N TYR C 123 -22.36 -24.06 22.68
CA TYR C 123 -21.43 -24.69 23.61
C TYR C 123 -20.09 -23.97 23.58
N PHE C 124 -19.51 -23.75 24.74
CA PHE C 124 -18.30 -22.94 24.89
C PHE C 124 -17.24 -23.60 25.75
N LEU C 125 -15.99 -23.29 25.48
CA LEU C 125 -14.93 -23.64 26.42
C LEU C 125 -15.19 -22.97 27.77
N ALA C 126 -14.96 -23.73 28.84
CA ALA C 126 -15.20 -23.22 30.19
C ALA C 126 -14.17 -23.77 31.15
N SER C 127 -13.92 -23.02 32.21
CA SER C 127 -13.07 -23.47 33.31
C SER C 127 -14.01 -24.06 34.37
N GLU C 128 -13.76 -25.30 34.78
CA GLU C 128 -14.59 -25.94 35.79
C GLU C 128 -13.77 -26.67 36.85
N LYS C 129 -14.08 -26.41 38.11
CA LYS C 129 -13.38 -27.06 39.20
C LYS C 129 -13.91 -28.48 39.41
N GLU C 130 -12.99 -29.44 39.49
CA GLU C 130 -13.33 -30.83 39.78
C GLU C 130 -12.36 -31.37 40.83
N ARG C 131 -12.86 -31.60 42.04
CA ARG C 131 -12.01 -31.93 43.16
C ARG C 131 -10.90 -30.87 43.28
N ASP C 132 -9.65 -31.30 43.33
CA ASP C 132 -8.54 -30.35 43.46
C ASP C 132 -8.10 -29.78 42.11
N LEU C 133 -8.73 -30.23 41.03
CA LEU C 133 -8.35 -29.79 39.69
C LEU C 133 -9.26 -28.70 39.10
N PHE C 134 -8.70 -27.94 38.17
CA PHE C 134 -9.50 -27.02 37.36
C PHE C 134 -9.37 -27.47 35.91
N LYS C 135 -10.47 -27.97 35.36
CA LYS C 135 -10.46 -28.56 34.03
C LYS C 135 -11.05 -27.64 32.97
N LEU C 136 -10.53 -27.76 31.75
CA LEU C 136 -11.13 -27.14 30.59
C LEU C 136 -12.25 -28.07 30.11
N ILE C 137 -13.47 -27.55 30.05
CA ILE C 137 -14.59 -28.37 29.60
C ILE C 137 -15.37 -27.66 28.50
N LEU C 138 -16.35 -28.37 27.94
CA LEU C 138 -17.26 -27.75 26.99
C LEU C 138 -18.61 -27.67 27.68
N LYS C 139 -19.15 -26.46 27.82
CA LYS C 139 -20.43 -26.33 28.50
C LYS C 139 -21.42 -25.47 27.73
N LYS C 140 -22.69 -25.82 27.84
CA LYS C 140 -23.76 -25.09 27.17
C LYS C 140 -23.96 -23.74 27.82
N GLU C 141 -24.31 -22.76 27.00
CA GLU C 141 -24.52 -21.39 27.43
C GLU C 141 -25.54 -21.30 28.56
N GLU C 143 -28.00 -18.23 29.87
CA GLU C 143 -27.43 -17.53 31.01
C GLU C 143 -26.33 -16.55 30.58
N LEU C 144 -26.66 -15.27 30.51
CA LEU C 144 -25.66 -14.28 30.13
C LEU C 144 -24.77 -13.97 31.31
N GLY C 145 -23.55 -13.55 31.02
CA GLY C 145 -22.59 -13.17 32.05
C GLY C 145 -22.13 -14.38 32.84
N ASP C 146 -22.22 -15.57 32.25
CA ASP C 146 -21.63 -16.78 32.84
C ASP C 146 -20.12 -16.52 32.77
N ARG C 147 -19.50 -16.37 33.93
CA ARG C 147 -18.10 -15.96 33.95
C ARG C 147 -17.13 -17.12 33.72
N SER C 148 -17.63 -18.35 33.83
CA SER C 148 -16.78 -19.53 33.67
C SER C 148 -16.36 -19.77 32.21
N ILE C 149 -17.04 -19.09 31.29
CA ILE C 149 -16.69 -19.20 29.88
C ILE C 149 -15.90 -18.00 29.37
N MET C 150 -15.50 -17.11 30.28
CA MET C 150 -14.74 -15.91 29.92
C MET C 150 -13.25 -16.09 30.13
N PHE C 151 -12.46 -15.65 29.17
CA PHE C 151 -11.01 -15.80 29.25
C PHE C 151 -10.27 -14.51 28.89
N THR C 152 -9.05 -14.36 29.39
CA THR C 152 -8.15 -13.34 28.87
C THR C 152 -7.16 -14.06 27.96
N VAL C 153 -7.00 -13.52 26.75
CA VAL C 153 -6.07 -14.08 25.78
C VAL C 153 -4.91 -13.11 25.64
N GLN C 154 -3.75 -13.61 26.02
CA GLN C 154 -2.55 -12.82 26.14
C GLN C 154 -1.58 -13.21 25.02
N ASN C 155 -1.21 -12.23 24.20
CA ASN C 155 -0.30 -12.45 23.09
C ASN C 155 1.11 -12.68 23.60
N GLU C 156 1.73 -13.76 23.11
CA GLU C 156 3.10 -14.15 23.49
C GLU C 156 3.45 -13.81 24.94
N THR D 4 7.03 0.57 -21.46
CA THR D 4 5.86 0.55 -20.55
C THR D 4 5.77 1.82 -19.72
N ARG D 5 4.76 2.65 -20.02
CA ARG D 5 4.50 3.85 -19.22
C ARG D 5 3.00 4.00 -18.94
N SER D 6 2.66 4.27 -17.69
CA SER D 6 1.27 4.39 -17.33
C SER D 6 1.13 5.15 -16.02
N VAL D 7 -0.08 5.62 -15.77
CA VAL D 7 -0.39 6.26 -14.49
C VAL D 7 -1.75 5.71 -14.09
N ASN D 8 -1.90 5.39 -12.81
CA ASN D 8 -3.09 4.67 -12.39
C ASN D 8 -3.57 5.25 -11.06
N ILE D 9 -4.89 5.41 -10.90
CA ILE D 9 -5.46 5.90 -9.63
C ILE D 9 -6.32 4.83 -8.97
N HIS D 10 -6.05 4.56 -7.69
CA HIS D 10 -6.97 3.73 -6.91
C HIS D 10 -7.80 4.63 -6.03
N VAL D 11 -9.10 4.38 -6.01
CA VAL D 11 -10.02 5.17 -5.18
C VAL D 11 -10.81 4.26 -4.25
N PRO D 12 -11.24 4.81 -3.10
CA PRO D 12 -12.08 3.96 -2.24
C PRO D 12 -13.51 3.89 -2.81
N VAL D 13 -14.14 2.73 -2.67
CA VAL D 13 -15.49 2.51 -3.19
C VAL D 13 -16.54 3.31 -2.42
N LYS D 14 -16.21 3.75 -1.22
CA LYS D 14 -17.11 4.58 -0.44
C LYS D 14 -16.38 5.73 0.22
N GLU D 15 -17.11 6.83 0.38
CA GLU D 15 -16.59 7.98 1.10
C GLU D 15 -16.49 7.66 2.60
N THR D 16 -15.41 8.15 3.23
CA THR D 16 -15.25 8.12 4.67
C THR D 16 -14.76 9.50 5.14
N SER D 17 -14.55 9.66 6.44
CA SER D 17 -14.15 10.95 6.99
C SER D 17 -12.79 11.39 6.46
N LYS D 18 -11.94 10.41 6.19
CA LYS D 18 -10.63 10.65 5.60
C LYS D 18 -10.51 9.80 4.34
N VAL D 19 -10.52 10.43 3.18
CA VAL D 19 -10.49 9.72 1.90
C VAL D 19 -9.10 9.79 1.29
N VAL D 20 -8.56 8.64 0.89
CA VAL D 20 -7.23 8.62 0.29
C VAL D 20 -7.31 8.08 -1.13
N LEU D 21 -6.78 8.85 -2.09
CA LEU D 21 -6.62 8.39 -3.45
C LEU D 21 -5.15 8.11 -3.67
N GLU D 22 -4.86 6.98 -4.29
CA GLU D 22 -3.48 6.56 -4.50
C GLU D 22 -3.16 6.65 -5.97
N CYS D 23 -2.20 7.50 -6.30
CA CYS D 23 -1.74 7.55 -7.66
C CYS D 23 -0.38 6.91 -7.79
N ARG D 24 -0.27 5.95 -8.71
CA ARG D 24 1.00 5.28 -8.98
C ARG D 24 1.33 5.42 -10.44
N GLY D 25 2.59 5.73 -10.72
CA GLY D 25 3.06 5.72 -12.09
C GLY D 25 3.90 4.50 -12.36
N ASP D 26 4.07 4.18 -13.64
CA ASP D 26 4.96 3.13 -14.06
C ASP D 26 5.77 3.73 -15.22
N SER D 27 7.08 3.83 -15.04
CA SER D 27 7.94 4.38 -16.08
C SER D 27 9.29 3.70 -16.11
N TYR D 28 9.78 3.42 -17.31
CA TYR D 28 11.08 2.79 -17.46
C TYR D 28 12.23 3.79 -17.33
N PHE D 29 11.90 5.08 -17.26
CA PHE D 29 12.89 6.09 -16.92
C PHE D 29 13.05 6.14 -15.41
N ARG D 30 13.86 5.23 -14.89
CA ARG D 30 13.92 4.97 -13.44
C ARG D 30 14.33 6.16 -12.58
N HIS D 31 15.32 6.95 -13.03
CA HIS D 31 15.82 8.04 -12.19
C HIS D 31 15.02 9.32 -12.38
N PHE D 32 14.19 9.35 -13.40
CA PHE D 32 13.53 10.59 -13.79
C PHE D 32 12.06 10.37 -14.05
N SER D 33 11.33 9.94 -13.03
CA SER D 33 9.88 9.83 -13.18
C SER D 33 9.22 10.13 -11.86
N TYR D 34 8.09 10.80 -11.94
CA TYR D 34 7.38 11.14 -10.71
C TYR D 34 5.92 11.38 -11.02
N VAL D 35 5.07 11.27 -9.99
CA VAL D 35 3.66 11.58 -10.14
C VAL D 35 3.22 12.62 -9.10
N TYR D 36 2.18 13.37 -9.43
CA TYR D 36 1.59 14.30 -8.46
C TYR D 36 0.21 14.69 -8.93
N TRP D 37 -0.49 15.39 -8.04
CA TRP D 37 -1.89 15.71 -8.29
C TRP D 37 -2.09 17.17 -8.75
N ILE D 38 -3.09 17.35 -9.60
CA ILE D 38 -3.58 18.67 -10.00
C ILE D 38 -5.08 18.69 -9.70
N ILE D 39 -5.50 19.71 -8.96
CA ILE D 39 -6.89 19.85 -8.52
C ILE D 39 -7.58 20.81 -9.48
N GLY D 40 -8.58 20.30 -10.19
CA GLY D 40 -9.23 21.07 -11.22
C GLY D 40 -8.29 21.31 -12.40
N LYS D 41 -8.45 22.47 -13.03
CA LYS D 41 -7.70 22.74 -14.25
C LYS D 41 -6.19 22.88 -14.09
N ASN D 42 -5.73 23.56 -13.05
CA ASN D 42 -4.31 23.93 -13.01
C ASN D 42 -3.68 24.20 -11.65
N LYS D 43 -4.33 23.76 -10.57
CA LYS D 43 -3.75 23.94 -9.25
C LYS D 43 -3.09 22.66 -8.70
N THR D 44 -1.78 22.71 -8.47
CA THR D 44 -1.16 21.71 -7.65
C THR D 44 -1.64 21.97 -6.22
N VAL D 45 -1.49 20.95 -5.37
CA VAL D 45 -1.95 21.05 -3.98
C VAL D 45 -1.21 22.19 -3.26
N ASP D 46 0.05 22.40 -3.63
CA ASP D 46 0.88 23.46 -3.07
C ASP D 46 0.25 24.84 -3.24
N GLN D 47 -0.56 24.98 -4.29
CA GLN D 47 -1.14 26.29 -4.62
C GLN D 47 -2.46 26.60 -3.92
N LEU D 48 -3.07 25.59 -3.32
CA LEU D 48 -4.37 25.77 -2.65
C LEU D 48 -4.27 26.59 -1.37
N PRO D 49 -5.35 27.32 -1.05
CA PRO D 49 -5.34 28.07 0.22
C PRO D 49 -5.28 27.09 1.39
N PRO D 50 -4.84 27.57 2.56
CA PRO D 50 -4.80 26.67 3.71
C PRO D 50 -6.20 26.17 4.07
N ASN D 51 -6.27 24.96 4.63
CA ASN D 51 -7.55 24.37 5.04
C ASN D 51 -8.47 24.09 3.86
N SER D 52 -7.87 23.81 2.70
CA SER D 52 -8.61 23.51 1.49
C SER D 52 -9.28 22.13 1.61
N GLY D 53 -8.73 21.29 2.48
CA GLY D 53 -9.23 19.94 2.64
C GLY D 53 -8.43 18.93 1.85
N TYR D 54 -7.46 19.43 1.07
CA TYR D 54 -6.58 18.55 0.30
C TYR D 54 -5.20 18.51 0.93
N ARG D 55 -4.64 17.30 1.02
CA ARG D 55 -3.24 17.16 1.41
C ARG D 55 -2.61 16.13 0.47
N GLU D 56 -1.38 16.38 0.05
CA GLU D 56 -0.70 15.44 -0.82
C GLU D 56 0.49 14.79 -0.12
N ARG D 57 0.65 13.50 -0.34
CA ARG D 57 1.81 12.80 0.18
C ARG D 57 2.58 12.22 -0.99
N ILE D 58 3.71 12.83 -1.33
CA ILE D 58 4.55 12.31 -2.39
C ILE D 58 5.61 11.40 -1.77
N TYR D 59 5.66 10.17 -2.24
CA TYR D 59 6.58 9.18 -1.70
C TYR D 59 7.99 9.38 -2.25
N LEU D 60 8.95 9.55 -1.34
CA LEU D 60 10.33 9.85 -1.72
C LEU D 60 11.00 8.68 -2.43
N ASN D 69 10.64 1.86 -12.28
CA ASN D 69 10.31 2.84 -11.24
C ASN D 69 8.81 2.99 -11.03
N ARG D 70 8.38 2.99 -9.76
CA ARG D 70 6.98 3.14 -9.42
C ARG D 70 6.74 4.34 -8.52
N PRO D 71 6.77 5.54 -9.10
CA PRO D 71 6.47 6.74 -8.32
C PRO D 71 5.04 6.69 -7.77
N ARG D 72 4.84 7.29 -6.60
CA ARG D 72 3.52 7.30 -5.98
C ARG D 72 3.20 8.64 -5.33
N ALA D 73 1.96 9.09 -5.48
CA ALA D 73 1.49 10.25 -4.72
C ALA D 73 0.10 9.97 -4.24
N ASP D 74 -0.11 10.09 -2.93
CA ASP D 74 -1.46 9.96 -2.37
C ASP D 74 -2.08 11.35 -2.17
N LEU D 75 -3.37 11.44 -2.45
CA LEU D 75 -4.11 12.67 -2.19
C LEU D 75 -5.13 12.36 -1.09
N ILE D 76 -5.09 13.15 -0.03
CA ILE D 76 -5.93 12.90 1.14
C ILE D 76 -6.94 14.02 1.26
N LEU D 77 -8.22 13.65 1.29
CA LEU D 77 -9.32 14.61 1.39
C LEU D 77 -9.94 14.49 2.76
N THR D 78 -10.10 15.64 3.41
CA THR D 78 -10.77 15.74 4.68
C THR D 78 -11.78 16.87 4.63
N ASN D 79 -12.71 16.88 5.59
CA ASN D 79 -13.76 17.89 5.64
C ASN D 79 -14.40 18.10 4.27
N ILE D 80 -14.83 16.98 3.68
CA ILE D 80 -15.24 16.91 2.29
C ILE D 80 -16.54 17.65 1.99
N THR D 81 -16.48 18.52 1.00
CA THR D 81 -17.63 19.29 0.55
C THR D 81 -18.13 18.73 -0.78
N ASP D 82 -19.29 19.23 -1.22
CA ASP D 82 -19.81 18.84 -2.53
C ASP D 82 -18.89 19.29 -3.65
N GLU D 83 -18.29 20.48 -3.49
CA GLU D 83 -17.34 20.95 -4.49
C GLU D 83 -16.20 19.95 -4.67
N MET D 84 -15.70 19.41 -3.57
CA MET D 84 -14.63 18.41 -3.61
C MET D 84 -15.11 17.09 -4.21
N ARG D 85 -16.34 16.71 -3.88
CA ARG D 85 -16.94 15.47 -4.40
C ARG D 85 -17.08 15.53 -5.92
N ASN D 86 -17.31 16.72 -6.45
CA ASN D 86 -17.57 16.90 -7.87
C ASN D 86 -16.35 17.40 -8.67
N GLU D 87 -15.25 17.64 -7.96
CA GLU D 87 -14.04 18.19 -8.56
C GLU D 87 -13.35 17.16 -9.44
N LYS D 88 -12.90 17.57 -10.61
CA LYS D 88 -12.06 16.69 -11.44
C LYS D 88 -10.63 16.66 -10.90
N LEU D 89 -10.22 15.50 -10.41
CA LEU D 89 -8.91 15.35 -9.79
C LEU D 89 -7.97 14.58 -10.72
N THR D 90 -6.84 15.18 -11.06
CA THR D 90 -5.94 14.57 -12.04
C THR D 90 -4.62 14.15 -11.44
N CYS D 91 -4.20 12.91 -11.72
CA CYS D 91 -2.82 12.54 -11.43
C CYS D 91 -1.97 12.51 -12.68
N VAL D 92 -0.78 13.09 -12.59
CA VAL D 92 0.09 13.29 -13.74
C VAL D 92 1.37 12.50 -13.55
N LEU D 93 1.77 11.78 -14.60
CA LEU D 93 3.09 11.18 -14.64
C LEU D 93 4.02 12.08 -15.46
N ILE D 94 5.13 12.48 -14.84
CA ILE D 94 6.16 13.25 -15.53
C ILE D 94 7.41 12.39 -15.67
N ASP D 95 7.97 12.36 -16.87
CA ASP D 95 9.27 11.73 -17.14
C ASP D 95 9.79 12.30 -18.47
N PRO D 96 10.89 11.79 -18.99
CA PRO D 96 11.46 12.35 -20.23
C PRO D 96 10.56 12.28 -21.46
N LYS D 97 9.38 11.68 -21.33
CA LYS D 97 8.43 11.64 -22.44
C LYS D 97 7.20 12.50 -22.13
N ASP D 98 6.28 12.61 -23.09
CA ASP D 98 5.10 13.44 -22.93
C ASP D 98 4.33 13.02 -21.68
N PRO D 99 3.85 13.99 -20.90
CA PRO D 99 3.17 13.65 -19.64
C PRO D 99 1.93 12.77 -19.85
N LEU D 100 1.68 11.88 -18.90
CA LEU D 100 0.50 11.03 -18.93
C LEU D 100 -0.42 11.45 -17.78
N LYS D 101 -1.72 11.42 -18.04
CA LYS D 101 -2.71 11.83 -17.02
C LYS D 101 -3.82 10.82 -16.87
N GLU D 102 -4.31 10.71 -15.64
CA GLU D 102 -5.55 10.01 -15.36
C GLU D 102 -6.34 10.89 -14.41
N SER D 103 -7.65 10.81 -14.46
CA SER D 103 -8.45 11.68 -13.61
C SER D 103 -9.64 10.94 -13.05
N VAL D 104 -10.26 11.52 -12.04
CA VAL D 104 -11.44 10.94 -11.42
C VAL D 104 -12.30 12.04 -10.82
N ILE D 105 -13.61 11.84 -10.87
CA ILE D 105 -14.57 12.66 -10.16
C ILE D 105 -15.25 11.73 -9.17
N LEU D 106 -14.98 11.94 -7.89
CA LEU D 106 -15.41 11.01 -6.85
C LEU D 106 -16.92 10.74 -6.80
N SER D 107 -17.75 11.78 -6.95
CA SER D 107 -19.19 11.57 -6.87
C SER D 107 -19.67 10.52 -7.87
N LYS D 108 -18.97 10.42 -8.99
CA LYS D 108 -19.31 9.45 -10.03
C LYS D 108 -19.00 8.04 -9.57
N ILE D 109 -17.90 7.87 -8.86
CA ILE D 109 -17.54 6.57 -8.32
C ILE D 109 -18.49 6.19 -7.20
N TRP D 110 -18.75 7.13 -6.31
CA TRP D 110 -19.52 6.86 -5.13
C TRP D 110 -20.98 6.69 -5.38
N ASN D 111 -21.48 7.31 -6.44
CA ASN D 111 -22.89 7.23 -6.81
C ASN D 111 -23.19 6.05 -7.73
N SER D 112 -22.13 5.35 -8.14
CA SER D 112 -22.27 4.20 -9.03
C SER D 112 -22.77 2.98 -8.28
#